data_4LDF
#
_entry.id   4LDF
#
_cell.length_a   37.892
_cell.length_b   44.642
_cell.length_c   59.537
_cell.angle_alpha   90.000
_cell.angle_beta   96.500
_cell.angle_gamma   90.000
#
_symmetry.space_group_name_H-M   'P 1 21 1'
#
loop_
_entity.id
_entity.type
_entity.pdbx_description
1 polymer 'GCN5 like acetylase + bromodomain'
2 non-polymer GLYCEROL
3 non-polymer 'UNKNOWN ATOM OR ION'
4 water water
#
_entity_poly.entity_id   1
_entity_poly.type   'polypeptide(L)'
_entity_poly.pdbx_seq_one_letter_code
;GIDPVEQSKVDLSMNDQIWQLLDTLSRHENAWPFRKPVSIGEASDYYEIIKEPTDIQTMKRKAKNKEYKTLSEFSSELKR
MFDNCRFYNAKNTIYTKYANQLEAFIWPMLQTIQES
;
_entity_poly.pdbx_strand_id   A,B
#
loop_
_chem_comp.id
_chem_comp.type
_chem_comp.name
_chem_comp.formula
GOL non-polymer GLYCEROL 'C3 H8 O3'
UNX non-polymer 'UNKNOWN ATOM OR ION' ?
#
# COMPACT_ATOMS: atom_id res chain seq x y z
N LYS A 9 -10.57 9.01 18.59
CA LYS A 9 -10.54 7.55 18.58
C LYS A 9 -9.23 7.01 17.98
N VAL A 10 -8.75 7.63 16.89
CA VAL A 10 -7.51 7.25 16.21
C VAL A 10 -6.29 7.69 17.04
N ASP A 11 -5.44 6.71 17.42
CA ASP A 11 -4.23 6.95 18.21
C ASP A 11 -3.00 6.33 17.54
N LEU A 12 -2.03 7.18 17.17
CA LEU A 12 -0.83 6.73 16.47
C LEU A 12 0.44 7.29 17.08
N SER A 13 1.38 6.39 17.43
CA SER A 13 2.71 6.76 17.95
C SER A 13 3.50 7.38 16.80
N MET A 14 4.63 8.04 17.11
CA MET A 14 5.48 8.67 16.11
C MET A 14 5.84 7.72 14.97
N ASN A 15 6.30 6.51 15.33
CA ASN A 15 6.69 5.45 14.41
C ASN A 15 5.54 5.00 13.51
N ASP A 16 4.30 4.94 14.04
CA ASP A 16 3.13 4.61 13.21
C ASP A 16 2.78 5.77 12.29
N GLN A 17 3.01 7.02 12.75
CA GLN A 17 2.73 8.20 11.93
C GLN A 17 3.75 8.25 10.80
N ILE A 18 5.00 7.83 11.09
CA ILE A 18 6.07 7.75 10.09
C ILE A 18 5.66 6.69 9.05
N TRP A 19 5.20 5.51 9.50
CA TRP A 19 4.77 4.45 8.58
C TRP A 19 3.70 4.95 7.61
N GLN A 20 2.68 5.72 8.10
CA GLN A 20 1.61 6.25 7.24
C GLN A 20 2.06 7.34 6.25
N LEU A 21 3.08 8.12 6.65
CA LEU A 21 3.70 9.12 5.78
C LEU A 21 4.38 8.35 4.62
N LEU A 22 5.09 7.29 4.95
CA LEU A 22 5.80 6.45 4.00
C LEU A 22 4.82 5.74 3.09
N ASP A 23 3.68 5.28 3.65
CA ASP A 23 2.60 4.67 2.88
C ASP A 23 1.99 5.70 1.92
N THR A 24 1.72 6.93 2.38
CA THR A 24 1.23 8.00 1.51
C THR A 24 2.22 8.23 0.36
N LEU A 25 3.52 8.39 0.72
CA LEU A 25 4.59 8.59 -0.24
C LEU A 25 4.64 7.48 -1.27
N SER A 26 4.69 6.21 -0.83
N SER A 26 4.67 6.22 -0.82
CA SER A 26 4.76 5.04 -1.72
CA SER A 26 4.74 5.03 -1.69
C SER A 26 3.58 4.91 -2.69
C SER A 26 3.58 4.92 -2.68
N ARG A 27 2.37 5.32 -2.27
CA ARG A 27 1.16 5.25 -3.10
C ARG A 27 1.16 6.25 -4.27
N HIS A 28 2.01 7.28 -4.20
CA HIS A 28 2.16 8.22 -5.32
C HIS A 28 2.68 7.39 -6.51
N GLU A 29 2.03 7.52 -7.68
CA GLU A 29 2.41 6.77 -8.89
C GLU A 29 3.91 6.80 -9.25
N ASN A 30 4.59 7.97 -9.03
CA ASN A 30 6.02 8.19 -9.31
C ASN A 30 6.98 7.79 -8.20
N ALA A 31 6.46 7.16 -7.14
CA ALA A 31 7.24 6.66 -6.02
C ALA A 31 7.82 5.28 -6.31
N TRP A 32 7.37 4.65 -7.41
CA TRP A 32 7.82 3.31 -7.79
C TRP A 32 9.36 3.07 -7.75
N PRO A 33 10.27 3.99 -8.19
CA PRO A 33 11.72 3.68 -8.10
C PRO A 33 12.29 3.70 -6.69
N PHE A 34 11.46 4.08 -5.68
CA PHE A 34 11.89 4.22 -4.29
C PHE A 34 11.25 3.19 -3.36
N ARG A 35 10.28 2.37 -3.85
CA ARG A 35 9.58 1.41 -3.01
C ARG A 35 10.44 0.32 -2.43
N LYS A 36 11.46 -0.14 -3.18
CA LYS A 36 12.33 -1.23 -2.74
C LYS A 36 13.80 -0.90 -3.00
N PRO A 37 14.80 -1.67 -2.47
CA PRO A 37 16.20 -1.37 -2.82
C PRO A 37 16.49 -1.57 -4.31
N VAL A 38 17.52 -0.88 -4.83
CA VAL A 38 17.90 -0.97 -6.24
C VAL A 38 18.47 -2.35 -6.54
N SER A 39 17.97 -2.99 -7.61
CA SER A 39 18.46 -4.30 -8.06
C SER A 39 19.71 -4.13 -8.93
N ILE A 40 20.61 -5.13 -8.90
CA ILE A 40 21.84 -5.17 -9.73
C ILE A 40 21.49 -5.05 -11.23
N GLY A 41 20.43 -5.75 -11.67
CA GLY A 41 19.99 -5.73 -13.05
C GLY A 41 19.70 -4.33 -13.59
N GLU A 42 18.95 -3.53 -12.81
CA GLU A 42 18.57 -2.16 -13.19
C GLU A 42 19.76 -1.19 -13.16
N ALA A 43 20.67 -1.34 -12.18
CA ALA A 43 21.83 -0.46 -12.02
C ALA A 43 22.96 -1.21 -11.31
N SER A 44 23.76 -1.98 -12.09
CA SER A 44 24.87 -2.78 -11.55
C SER A 44 25.95 -1.97 -10.80
N ASP A 45 26.08 -0.65 -11.09
CA ASP A 45 27.07 0.19 -10.40
C ASP A 45 26.55 0.90 -9.14
N TYR A 46 25.23 0.80 -8.86
CA TYR A 46 24.56 1.53 -7.78
C TYR A 46 25.27 1.59 -6.42
N TYR A 47 25.59 0.43 -5.86
CA TYR A 47 26.20 0.33 -4.53
C TYR A 47 27.70 0.67 -4.48
N GLU A 48 28.30 0.97 -5.65
CA GLU A 48 29.71 1.42 -5.76
C GLU A 48 29.70 2.94 -5.56
N ILE A 49 28.58 3.58 -5.87
CA ILE A 49 28.36 5.01 -5.81
C ILE A 49 27.65 5.42 -4.52
N ILE A 50 26.54 4.71 -4.18
CA ILE A 50 25.72 5.04 -3.01
C ILE A 50 26.11 4.16 -1.85
N LYS A 51 26.81 4.75 -0.85
CA LYS A 51 27.34 4.04 0.30
C LYS A 51 26.45 3.98 1.52
N GLU A 52 25.36 4.78 1.51
CA GLU A 52 24.35 4.80 2.57
C GLU A 52 22.98 4.72 1.87
N PRO A 53 22.67 3.58 1.20
CA PRO A 53 21.37 3.49 0.52
C PRO A 53 20.22 3.35 1.52
N THR A 54 19.02 3.68 1.06
CA THR A 54 17.77 3.54 1.77
C THR A 54 16.65 3.50 0.75
N ASP A 55 15.45 3.14 1.20
CA ASP A 55 14.25 3.00 0.36
C ASP A 55 13.03 2.95 1.26
N ILE A 56 11.83 2.99 0.66
CA ILE A 56 10.56 3.00 1.41
C ILE A 56 10.33 1.74 2.26
N GLN A 57 10.67 0.55 1.73
CA GLN A 57 10.48 -0.73 2.41
C GLN A 57 11.38 -0.80 3.66
N THR A 58 12.63 -0.31 3.54
CA THR A 58 13.62 -0.25 4.63
C THR A 58 13.07 0.68 5.74
N MET A 59 12.64 1.90 5.39
CA MET A 59 12.09 2.86 6.35
C MET A 59 10.78 2.38 6.99
N LYS A 60 9.89 1.72 6.20
CA LYS A 60 8.62 1.14 6.68
C LYS A 60 8.92 0.05 7.69
N ARG A 61 9.97 -0.77 7.44
CA ARG A 61 10.41 -1.87 8.34
C ARG A 61 10.89 -1.28 9.66
N LYS A 62 11.74 -0.24 9.58
CA LYS A 62 12.27 0.49 10.74
C LYS A 62 11.11 1.08 11.57
N ALA A 63 10.12 1.68 10.90
CA ALA A 63 8.96 2.31 11.54
C ALA A 63 8.06 1.28 12.25
N LYS A 64 7.81 0.15 11.58
CA LYS A 64 6.99 -0.97 12.10
C LYS A 64 7.63 -1.59 13.35
N ASN A 65 8.97 -1.66 13.37
CA ASN A 65 9.76 -2.18 14.49
C ASN A 65 10.01 -1.12 15.57
N LYS A 66 9.40 0.08 15.40
CA LYS A 66 9.46 1.22 16.34
C LYS A 66 10.91 1.65 16.64
N GLU A 67 11.75 1.63 15.60
CA GLU A 67 13.18 1.93 15.69
C GLU A 67 13.55 3.41 15.58
N TYR A 68 12.64 4.30 15.15
CA TYR A 68 13.00 5.71 15.13
C TYR A 68 12.79 6.28 16.52
N LYS A 69 13.88 6.76 17.13
CA LYS A 69 13.91 7.37 18.46
C LYS A 69 13.47 8.84 18.40
N THR A 70 13.85 9.54 17.31
CA THR A 70 13.48 10.94 17.11
C THR A 70 12.96 11.15 15.69
N LEU A 71 12.24 12.26 15.45
CA LEU A 71 11.79 12.60 14.10
C LEU A 71 13.02 12.91 13.20
N SER A 72 14.06 13.61 13.74
CA SER A 72 15.29 13.96 13.00
C SER A 72 15.96 12.77 12.33
N GLU A 73 16.04 11.64 13.04
CA GLU A 73 16.59 10.37 12.55
C GLU A 73 15.87 9.95 11.27
N PHE A 74 14.51 10.02 11.25
CA PHE A 74 13.74 9.64 10.08
C PHE A 74 13.85 10.69 8.95
N SER A 75 13.69 11.98 9.28
CA SER A 75 13.77 13.07 8.28
C SER A 75 15.12 13.12 7.56
N SER A 76 16.24 12.76 8.26
CA SER A 76 17.58 12.70 7.67
C SER A 76 17.64 11.57 6.64
N GLU A 77 17.08 10.40 7.00
CA GLU A 77 17.03 9.22 6.16
C GLU A 77 16.14 9.45 4.94
N LEU A 78 14.94 10.02 5.15
CA LEU A 78 14.03 10.32 4.05
C LEU A 78 14.67 11.32 3.09
N LYS A 79 15.36 12.36 3.62
CA LYS A 79 16.04 13.35 2.76
C LYS A 79 17.15 12.65 1.98
N ARG A 80 17.95 11.79 2.65
CA ARG A 80 19.01 10.96 2.08
C ARG A 80 18.46 10.10 0.94
N MET A 81 17.23 9.54 1.09
CA MET A 81 16.66 8.75 -0.03
C MET A 81 16.60 9.60 -1.32
N PHE A 82 16.12 10.84 -1.23
CA PHE A 82 16.01 11.73 -2.39
C PHE A 82 17.37 12.25 -2.89
N ASP A 83 18.28 12.52 -1.93
CA ASP A 83 19.65 12.96 -2.20
C ASP A 83 20.45 11.90 -2.95
N ASN A 84 20.35 10.62 -2.52
CA ASN A 84 21.00 9.44 -3.15
C ASN A 84 20.57 9.31 -4.59
N CYS A 85 19.26 9.43 -4.88
CA CYS A 85 18.70 9.33 -6.21
C CYS A 85 19.33 10.36 -7.14
N ARG A 86 19.31 11.64 -6.69
CA ARG A 86 19.85 12.81 -7.41
C ARG A 86 21.36 12.74 -7.57
N PHE A 87 22.10 12.17 -6.57
CA PHE A 87 23.54 12.01 -6.67
C PHE A 87 23.86 10.95 -7.74
N TYR A 88 23.25 9.73 -7.62
CA TYR A 88 23.48 8.64 -8.58
C TYR A 88 23.15 9.06 -10.03
N ASN A 89 22.05 9.80 -10.19
CA ASN A 89 21.55 10.31 -11.49
C ASN A 89 22.14 11.65 -11.92
N ALA A 90 23.13 12.18 -11.13
CA ALA A 90 23.85 13.43 -11.39
C ALA A 90 22.89 14.61 -11.64
N LYS A 91 21.79 14.70 -10.85
CA LYS A 91 20.74 15.74 -10.95
C LYS A 91 19.99 15.73 -12.31
N ASN A 92 20.07 14.62 -13.05
CA ASN A 92 19.40 14.44 -14.33
C ASN A 92 18.50 13.19 -14.33
N THR A 93 17.95 12.80 -15.51
CA THR A 93 17.03 11.67 -15.75
C THR A 93 15.64 11.95 -15.18
N ILE A 94 14.70 11.01 -15.43
CA ILE A 94 13.33 11.05 -14.90
C ILE A 94 13.32 10.90 -13.38
N TYR A 95 14.31 10.16 -12.82
CA TYR A 95 14.44 9.91 -11.39
C TYR A 95 14.71 11.17 -10.58
N THR A 96 15.42 12.17 -11.16
CA THR A 96 15.66 13.42 -10.43
C THR A 96 14.35 14.21 -10.39
N LYS A 97 13.59 14.15 -11.50
CA LYS A 97 12.30 14.82 -11.63
C LYS A 97 11.31 14.24 -10.61
N TYR A 98 11.29 12.89 -10.46
CA TYR A 98 10.41 12.24 -9.49
C TYR A 98 10.85 12.62 -8.07
N ALA A 99 12.18 12.50 -7.78
CA ALA A 99 12.74 12.84 -6.47
C ALA A 99 12.35 14.22 -5.98
N ASN A 100 12.40 15.25 -6.86
CA ASN A 100 12.05 16.66 -6.59
C ASN A 100 10.53 16.79 -6.36
N GLN A 101 9.73 16.15 -7.23
CA GLN A 101 8.27 16.12 -7.15
C GLN A 101 7.82 15.47 -5.85
N LEU A 102 8.38 14.28 -5.50
CA LEU A 102 7.95 13.55 -4.32
C LEU A 102 8.37 14.18 -3.03
N GLU A 103 9.56 14.80 -2.98
CA GLU A 103 10.05 15.47 -1.77
C GLU A 103 9.16 16.66 -1.43
N ALA A 104 8.79 17.46 -2.46
CA ALA A 104 7.90 18.60 -2.32
C ALA A 104 6.51 18.14 -1.92
N PHE A 105 6.05 16.99 -2.49
CA PHE A 105 4.73 16.42 -2.18
C PHE A 105 4.62 15.96 -0.72
N ILE A 106 5.66 15.27 -0.20
CA ILE A 106 5.67 14.69 1.17
C ILE A 106 6.12 15.60 2.32
N TRP A 107 6.91 16.65 2.03
CA TRP A 107 7.41 17.60 3.05
C TRP A 107 6.30 18.22 3.92
N PRO A 108 5.12 18.65 3.38
CA PRO A 108 4.04 19.14 4.27
C PRO A 108 3.63 18.11 5.34
N MET A 109 3.49 16.81 4.96
CA MET A 109 3.10 15.75 5.91
C MET A 109 4.19 15.53 6.97
N LEU A 110 5.47 15.67 6.59
CA LEU A 110 6.61 15.50 7.50
C LEU A 110 6.58 16.49 8.67
N GLN A 111 6.03 17.70 8.46
CA GLN A 111 5.89 18.76 9.48
C GLN A 111 4.90 18.37 10.57
N THR A 112 3.92 17.52 10.23
CA THR A 112 2.84 17.11 11.15
C THR A 112 3.21 15.95 12.10
N ILE A 113 4.36 15.29 11.88
CA ILE A 113 4.77 14.14 12.70
C ILE A 113 5.11 14.60 14.11
N GLN A 114 4.38 14.07 15.10
CA GLN A 114 4.54 14.38 16.51
C GLN A 114 5.44 13.37 17.22
N GLU A 115 6.47 13.88 17.95
CA GLU A 115 7.40 13.04 18.71
C GLU A 115 6.72 12.59 20.02
N VAL B 10 -30.55 -7.59 17.02
CA VAL B 10 -29.32 -8.07 16.37
C VAL B 10 -28.24 -6.98 16.31
N ASP B 11 -27.11 -7.22 16.99
CA ASP B 11 -25.95 -6.32 17.01
C ASP B 11 -24.70 -7.19 16.81
N LEU B 12 -24.08 -7.07 15.64
CA LEU B 12 -22.91 -7.90 15.31
C LEU B 12 -21.57 -7.34 15.79
N SER B 13 -20.60 -8.23 16.10
CA SER B 13 -19.26 -7.83 16.47
C SER B 13 -18.58 -7.28 15.20
N MET B 14 -17.51 -6.49 15.34
CA MET B 14 -16.78 -5.93 14.22
C MET B 14 -16.43 -6.99 13.15
N ASN B 15 -15.82 -8.10 13.58
CA ASN B 15 -15.43 -9.21 12.70
C ASN B 15 -16.62 -9.87 11.98
N ASP B 16 -17.79 -9.98 12.64
CA ASP B 16 -19.02 -10.49 12.00
C ASP B 16 -19.60 -9.44 11.02
N GLN B 17 -19.45 -8.16 11.34
CA GLN B 17 -19.88 -7.03 10.48
C GLN B 17 -19.04 -7.03 9.20
N ILE B 18 -17.71 -7.23 9.35
CA ILE B 18 -16.71 -7.36 8.28
C ILE B 18 -17.10 -8.54 7.43
N TRP B 19 -17.38 -9.73 8.05
CA TRP B 19 -17.82 -10.93 7.31
C TRP B 19 -19.10 -10.64 6.50
N GLN B 20 -20.09 -9.96 7.12
CA GLN B 20 -21.36 -9.63 6.45
C GLN B 20 -21.13 -8.63 5.31
N LEU B 21 -20.23 -7.66 5.46
CA LEU B 21 -19.91 -6.72 4.40
C LEU B 21 -19.32 -7.47 3.17
N LEU B 22 -18.40 -8.40 3.43
CA LEU B 22 -17.70 -9.21 2.44
C LEU B 22 -18.66 -10.08 1.68
N ASP B 23 -19.71 -10.61 2.35
CA ASP B 23 -20.75 -11.44 1.73
C ASP B 23 -21.67 -10.60 0.87
N THR B 24 -22.01 -9.39 1.35
CA THR B 24 -22.81 -8.39 0.62
C THR B 24 -22.00 -8.08 -0.66
N LEU B 25 -20.70 -7.80 -0.49
CA LEU B 25 -19.78 -7.55 -1.60
C LEU B 25 -19.74 -8.75 -2.57
N SER B 26 -19.54 -9.97 -2.04
CA SER B 26 -19.46 -11.20 -2.84
C SER B 26 -20.66 -11.50 -3.76
N ARG B 27 -21.89 -11.29 -3.26
CA ARG B 27 -23.15 -11.50 -3.99
C ARG B 27 -23.35 -10.52 -5.18
N HIS B 28 -22.60 -9.38 -5.24
CA HIS B 28 -22.68 -8.50 -6.41
C HIS B 28 -22.13 -9.33 -7.59
N GLU B 29 -22.79 -9.25 -8.77
N GLU B 29 -22.80 -9.27 -8.76
CA GLU B 29 -22.40 -9.99 -9.98
CA GLU B 29 -22.37 -10.05 -9.94
C GLU B 29 -20.99 -9.65 -10.46
C GLU B 29 -20.96 -9.68 -10.45
N ASN B 30 -20.56 -8.40 -10.28
CA ASN B 30 -19.22 -7.94 -10.68
C ASN B 30 -18.11 -8.39 -9.72
N ALA B 31 -18.49 -8.98 -8.56
CA ALA B 31 -17.52 -9.42 -7.56
C ALA B 31 -16.89 -10.77 -7.85
N TRP B 32 -17.40 -11.48 -8.90
CA TRP B 32 -16.94 -12.81 -9.28
C TRP B 32 -15.41 -13.00 -9.30
N PRO B 33 -14.56 -12.08 -9.85
CA PRO B 33 -13.11 -12.38 -9.85
C PRO B 33 -12.42 -12.19 -8.51
N PHE B 34 -13.17 -11.72 -7.47
CA PHE B 34 -12.55 -11.46 -6.16
C PHE B 34 -12.93 -12.45 -5.08
N ARG B 35 -13.82 -13.39 -5.42
CA ARG B 35 -14.40 -14.37 -4.50
C ARG B 35 -13.39 -15.31 -3.84
N LYS B 36 -12.38 -15.74 -4.61
CA LYS B 36 -11.38 -16.69 -4.18
C LYS B 36 -9.99 -16.26 -4.67
N PRO B 37 -8.88 -16.79 -4.11
CA PRO B 37 -7.55 -16.44 -4.65
C PRO B 37 -7.40 -16.93 -6.08
N VAL B 38 -6.72 -16.13 -6.91
CA VAL B 38 -6.45 -16.48 -8.31
C VAL B 38 -5.55 -17.74 -8.34
N SER B 39 -5.90 -18.71 -9.19
CA SER B 39 -5.12 -19.94 -9.39
C SER B 39 -4.07 -19.63 -10.48
N ILE B 40 -2.86 -20.26 -10.40
CA ILE B 40 -1.85 -20.05 -11.45
C ILE B 40 -2.31 -20.66 -12.77
N GLY B 41 -3.23 -21.62 -12.67
CA GLY B 41 -3.89 -22.22 -13.81
C GLY B 41 -4.73 -21.23 -14.59
N GLU B 42 -5.36 -20.27 -13.88
CA GLU B 42 -6.23 -19.24 -14.47
C GLU B 42 -5.48 -18.04 -15.05
N ALA B 43 -4.45 -17.56 -14.34
CA ALA B 43 -3.63 -16.42 -14.76
C ALA B 43 -2.21 -16.64 -14.24
N SER B 44 -1.42 -17.39 -15.02
CA SER B 44 -0.03 -17.82 -14.74
C SER B 44 0.96 -16.79 -14.22
N ASP B 45 0.86 -15.54 -14.68
CA ASP B 45 1.76 -14.45 -14.28
C ASP B 45 1.25 -13.62 -13.09
N TYR B 46 0.07 -13.97 -12.52
CA TYR B 46 -0.54 -13.17 -11.44
C TYR B 46 0.39 -12.84 -10.28
N TYR B 47 0.91 -13.88 -9.61
CA TYR B 47 1.78 -13.75 -8.44
C TYR B 47 3.18 -13.20 -8.75
N GLU B 48 3.49 -12.98 -10.04
CA GLU B 48 4.76 -12.37 -10.45
C GLU B 48 4.59 -10.85 -10.42
N ILE B 49 3.40 -10.38 -10.79
CA ILE B 49 3.04 -8.96 -10.80
C ILE B 49 2.55 -8.55 -9.38
N ILE B 50 1.65 -9.36 -8.76
CA ILE B 50 1.03 -9.08 -7.45
C ILE B 50 1.76 -9.74 -6.30
N LYS B 51 2.39 -8.92 -5.46
CA LYS B 51 3.20 -9.41 -4.33
C LYS B 51 2.47 -9.56 -3.01
N GLU B 52 1.35 -8.83 -2.84
CA GLU B 52 0.54 -8.86 -1.64
C GLU B 52 -0.92 -9.20 -2.04
N PRO B 53 -1.19 -10.43 -2.57
CA PRO B 53 -2.57 -10.76 -2.94
C PRO B 53 -3.50 -10.88 -1.76
N THR B 54 -4.78 -10.66 -2.04
CA THR B 54 -5.91 -10.84 -1.15
C THR B 54 -7.16 -11.03 -1.98
N ASP B 55 -8.21 -11.53 -1.35
CA ASP B 55 -9.50 -11.87 -1.97
C ASP B 55 -10.57 -12.01 -0.87
N ILE B 56 -11.85 -12.14 -1.26
CA ILE B 56 -12.97 -12.24 -0.34
C ILE B 56 -12.86 -13.44 0.61
N GLN B 57 -12.57 -14.66 0.06
CA GLN B 57 -12.44 -15.90 0.86
C GLN B 57 -11.42 -15.74 1.99
N THR B 58 -10.24 -15.18 1.65
CA THR B 58 -9.15 -14.93 2.60
C THR B 58 -9.64 -13.99 3.71
N MET B 59 -10.25 -12.86 3.32
CA MET B 59 -10.75 -11.85 4.27
C MET B 59 -11.92 -12.37 5.13
N LYS B 60 -12.82 -13.18 4.55
CA LYS B 60 -13.94 -13.82 5.27
C LYS B 60 -13.40 -14.79 6.34
N ARG B 61 -12.33 -15.53 5.98
CA ARG B 61 -11.70 -16.49 6.89
C ARG B 61 -11.07 -15.76 8.09
N LYS B 62 -10.34 -14.64 7.83
CA LYS B 62 -9.74 -13.84 8.90
C LYS B 62 -10.85 -13.30 9.83
N ALA B 63 -11.95 -12.79 9.23
CA ALA B 63 -13.11 -12.24 9.95
C ALA B 63 -13.82 -13.33 10.78
N LYS B 64 -13.99 -14.55 10.21
CA LYS B 64 -14.61 -15.70 10.90
C LYS B 64 -13.84 -16.08 12.17
N ASN B 65 -12.51 -16.03 12.10
CA ASN B 65 -11.63 -16.36 13.22
C ASN B 65 -11.29 -15.16 14.13
N LYS B 66 -12.04 -14.05 13.96
CA LYS B 66 -11.92 -12.80 14.72
C LYS B 66 -10.48 -12.25 14.73
N GLU B 67 -9.79 -12.32 13.59
CA GLU B 67 -8.40 -11.89 13.43
C GLU B 67 -8.19 -10.40 13.20
N TYR B 68 -9.21 -9.66 12.74
CA TYR B 68 -9.07 -8.21 12.56
C TYR B 68 -9.14 -7.51 13.91
N LYS B 69 -8.04 -6.85 14.32
CA LYS B 69 -8.00 -6.13 15.60
C LYS B 69 -8.74 -4.80 15.51
N THR B 70 -8.55 -4.08 14.38
CA THR B 70 -9.19 -2.79 14.16
C THR B 70 -9.81 -2.74 12.78
N LEU B 71 -10.69 -1.74 12.55
CA LEU B 71 -11.28 -1.55 11.23
C LEU B 71 -10.16 -1.16 10.21
N SER B 72 -9.17 -0.35 10.66
CA SER B 72 -8.04 0.09 9.82
C SER B 72 -7.33 -1.08 9.11
N GLU B 73 -7.16 -2.23 9.79
CA GLU B 73 -6.52 -3.41 9.19
C GLU B 73 -7.43 -3.97 8.07
N PHE B 74 -8.77 -4.05 8.31
CA PHE B 74 -9.65 -4.56 7.28
C PHE B 74 -9.78 -3.58 6.10
N SER B 75 -9.94 -2.27 6.37
CA SER B 75 -10.04 -1.23 5.35
C SER B 75 -8.85 -1.24 4.39
N SER B 76 -7.62 -1.37 4.93
N SER B 76 -7.60 -1.35 4.91
CA SER B 76 -6.36 -1.40 4.18
CA SER B 76 -6.39 -1.38 4.09
C SER B 76 -6.27 -2.60 3.23
C SER B 76 -6.33 -2.60 3.18
N GLU B 77 -6.68 -3.79 3.72
CA GLU B 77 -6.67 -5.01 2.93
C GLU B 77 -7.73 -4.98 1.84
N LEU B 78 -8.96 -4.54 2.18
CA LEU B 78 -10.04 -4.45 1.19
C LEU B 78 -9.64 -3.46 0.08
N LYS B 79 -9.08 -2.30 0.48
CA LYS B 79 -8.60 -1.32 -0.49
C LYS B 79 -7.49 -1.95 -1.40
N ARG B 80 -6.59 -2.77 -0.81
CA ARG B 80 -5.52 -3.46 -1.55
C ARG B 80 -6.11 -4.43 -2.56
N MET B 81 -7.19 -5.17 -2.18
CA MET B 81 -7.87 -6.09 -3.11
C MET B 81 -8.23 -5.38 -4.42
N PHE B 82 -8.80 -4.16 -4.32
CA PHE B 82 -9.20 -3.38 -5.51
C PHE B 82 -7.98 -2.79 -6.22
N ASP B 83 -6.98 -2.31 -5.47
CA ASP B 83 -5.75 -1.77 -6.04
C ASP B 83 -4.97 -2.85 -6.83
N ASN B 84 -4.83 -4.08 -6.28
CA ASN B 84 -4.14 -5.19 -6.99
C ASN B 84 -4.80 -5.49 -8.33
N CYS B 85 -6.15 -5.46 -8.38
CA CYS B 85 -6.88 -5.71 -9.62
C CYS B 85 -6.56 -4.64 -10.68
N ARG B 86 -6.62 -3.35 -10.28
CA ARG B 86 -6.33 -2.24 -11.21
C ARG B 86 -4.84 -2.20 -11.63
N PHE B 87 -3.91 -2.58 -10.70
CA PHE B 87 -2.46 -2.63 -10.94
C PHE B 87 -2.15 -3.75 -11.98
N TYR B 88 -2.67 -4.97 -11.77
CA TYR B 88 -2.46 -6.09 -12.69
C TYR B 88 -3.02 -5.78 -14.08
N ASN B 89 -4.16 -5.09 -14.13
CA ASN B 89 -4.80 -4.76 -15.41
C ASN B 89 -4.34 -3.43 -16.00
N ALA B 90 -3.30 -2.79 -15.40
CA ALA B 90 -2.68 -1.51 -15.82
C ALA B 90 -3.74 -0.41 -16.03
N LYS B 91 -4.73 -0.35 -15.10
CA LYS B 91 -5.85 0.61 -15.09
C LYS B 91 -6.89 0.46 -16.24
N ASN B 92 -6.84 -0.66 -16.97
N ASN B 92 -6.78 -0.61 -17.04
CA ASN B 92 -7.80 -0.90 -18.05
CA ASN B 92 -7.70 -0.89 -18.15
C ASN B 92 -8.52 -2.23 -17.94
C ASN B 92 -8.46 -2.22 -17.98
N THR B 93 -9.18 -2.67 -19.04
CA THR B 93 -9.99 -3.89 -19.12
C THR B 93 -11.32 -3.71 -18.37
N ILE B 94 -12.25 -4.68 -18.53
CA ILE B 94 -13.53 -4.76 -17.82
C ILE B 94 -13.25 -4.91 -16.33
N TYR B 95 -12.07 -5.47 -15.97
CA TYR B 95 -11.68 -5.73 -14.57
C TYR B 95 -11.50 -4.48 -13.73
N THR B 96 -10.98 -3.39 -14.34
CA THR B 96 -10.86 -2.09 -13.66
C THR B 96 -12.27 -1.55 -13.44
N LYS B 97 -13.18 -1.73 -14.44
CA LYS B 97 -14.57 -1.28 -14.35
CA LYS B 97 -14.57 -1.28 -14.33
C LYS B 97 -15.21 -1.98 -13.15
N TYR B 98 -14.99 -3.32 -13.01
CA TYR B 98 -15.53 -4.09 -11.88
C TYR B 98 -14.96 -3.49 -10.60
N ALA B 99 -13.63 -3.29 -10.54
CA ALA B 99 -12.97 -2.76 -9.35
C ALA B 99 -13.53 -1.41 -8.94
N ASN B 100 -13.70 -0.48 -9.91
CA ASN B 100 -14.22 0.86 -9.66
C ASN B 100 -15.65 0.85 -9.21
N GLN B 101 -16.51 0.03 -9.87
CA GLN B 101 -17.92 -0.06 -9.52
C GLN B 101 -18.12 -0.64 -8.12
N LEU B 102 -17.43 -1.75 -7.80
CA LEU B 102 -17.58 -2.44 -6.50
C LEU B 102 -17.09 -1.65 -5.31
N GLU B 103 -15.91 -1.01 -5.43
CA GLU B 103 -15.33 -0.15 -4.39
C GLU B 103 -16.29 1.01 -4.05
N ALA B 104 -16.84 1.68 -5.10
CA ALA B 104 -17.80 2.77 -4.94
C ALA B 104 -19.07 2.26 -4.26
N PHE B 105 -19.55 1.07 -4.64
CA PHE B 105 -20.75 0.42 -4.08
C PHE B 105 -20.59 -0.01 -2.61
N ILE B 106 -19.42 -0.59 -2.24
CA ILE B 106 -19.19 -1.13 -0.90
C ILE B 106 -18.65 -0.13 0.14
N TRP B 107 -17.97 0.94 -0.31
CA TRP B 107 -17.42 1.95 0.61
C TRP B 107 -18.45 2.54 1.59
N PRO B 108 -19.69 2.88 1.17
CA PRO B 108 -20.68 3.37 2.15
C PRO B 108 -21.00 2.35 3.26
N MET B 109 -20.99 1.03 2.96
CA MET B 109 -21.25 -0.02 3.97
C MET B 109 -20.09 -0.13 4.93
N LEU B 110 -18.86 0.09 4.41
CA LEU B 110 -17.64 0.06 5.20
C LEU B 110 -17.68 1.10 6.33
N GLN B 111 -18.33 2.26 6.10
CA GLN B 111 -18.52 3.32 7.10
C GLN B 111 -19.35 2.84 8.30
N THR B 112 -20.22 1.82 8.11
CA THR B 112 -21.11 1.32 9.18
C THR B 112 -20.41 0.39 10.16
N ILE B 113 -19.17 -0.04 9.86
CA ILE B 113 -18.49 -1.03 10.71
C ILE B 113 -17.97 -0.36 11.98
N GLN B 114 -18.40 -0.84 13.15
CA GLN B 114 -18.03 -0.25 14.45
C GLN B 114 -16.85 -0.92 15.10
N GLU B 115 -15.76 -0.12 15.29
CA GLU B 115 -14.42 -0.37 15.88
C GLU B 115 -13.31 -0.44 14.82
C1 GOL C . 18.13 3.62 -9.99
O1 GOL C . 18.09 3.04 -11.29
C2 GOL C . 17.53 5.01 -10.03
O2 GOL C . 18.31 5.82 -10.90
C3 GOL C . 17.49 5.65 -8.66
O3 GOL C . 16.52 5.02 -7.82
C1 GOL D . -7.64 -10.05 -15.87
O1 GOL D . -6.88 -10.78 -16.82
C2 GOL D . -7.29 -10.43 -14.46
O2 GOL D . -7.78 -9.45 -13.53
C3 GOL D . -7.80 -11.80 -14.09
O3 GOL D . -7.24 -12.20 -12.85
UNK UNX E . -9.82 -1.97 -22.08
#